data_1PGP
#
_entry.id   1PGP
#
_cell.length_a   72.740
_cell.length_b   148.400
_cell.length_c   102.350
_cell.angle_alpha   90.00
_cell.angle_beta   90.00
_cell.angle_gamma   90.00
#
_symmetry.space_group_name_H-M   'C 2 2 21'
#
loop_
_entity.id
_entity.type
_entity.pdbx_description
1 polymer '6-PHOSPHOGLUCONATE DEHYDROGENASE'
2 non-polymer '6-PHOSPHOGLUCONIC ACID'
3 non-polymer 'SULFATE ION'
4 water water
#
_entity_poly.entity_id   1
_entity_poly.type   'polypeptide(L)'
_entity_poly.pdbx_seq_one_letter_code
;AQADIALIGLAVMGQNLILNMNDHGFVVCAFNRTVSKVDDFLANEAKGTKVLGAHSLEEMVSKLKKPRRIILLVKAGQAV
DNFIEKLVPLLDIGDIIIDGGNSEYRDTMRRCRDLKDKGILFVGSGVSGGEDGARYGPSLMPGGNKEAWPHIKAIFQGIA
AKVGTGEPCCDWVGDDGAGHFVKMVHNGIEYGDMQLICEAYHLMKDVLGLGHKEMAKAFEEWNKTELDSFLIEITASILK
FQDADGKHLLPKIRDSAGQKGTGKWTAISALEYGVPVTLIGEAVFARCLSSLKDERIQASKKLKGPQNIPFEGDKKSFLE
DIRKALYASKIISYAQGFMLLRQAATEFGWTLNYGGIALMWRGGCIIRSVFLGKIKDAFDRNPGLQNLLLDDFFKSAVEN
CQDSWRRAISTGVQAGIPMPCFTTALSFYDGYRHAMLPANLIQAQRDYFGAHTYELLAKPGQFIHTNWTGHGGSVSSSSY
NA
;
_entity_poly.pdbx_strand_id   A
#
# COMPACT_ATOMS: atom_id res chain seq x y z
N ALA A 1 21.78 24.68 -20.19
CA ALA A 1 22.11 23.99 -18.92
C ALA A 1 22.02 25.06 -17.84
N GLN A 2 21.05 24.91 -16.91
CA GLN A 2 20.72 25.85 -15.84
C GLN A 2 19.92 25.05 -14.81
N ALA A 3 18.92 24.30 -15.29
CA ALA A 3 18.07 23.47 -14.44
C ALA A 3 18.73 22.13 -14.11
N ASP A 4 18.57 21.75 -12.86
CA ASP A 4 19.04 20.47 -12.35
C ASP A 4 18.11 19.34 -12.79
N ILE A 5 16.80 19.61 -12.92
CA ILE A 5 15.86 18.56 -13.26
C ILE A 5 14.65 19.20 -13.94
N ALA A 6 13.91 18.44 -14.72
CA ALA A 6 12.69 18.90 -15.36
C ALA A 6 11.56 18.01 -14.87
N LEU A 7 10.33 18.49 -14.79
CA LEU A 7 9.17 17.73 -14.31
C LEU A 7 8.17 18.04 -15.41
N ILE A 8 7.60 17.03 -16.01
CA ILE A 8 6.55 17.21 -17.00
C ILE A 8 5.31 16.71 -16.29
N GLY A 9 4.27 17.54 -16.30
CA GLY A 9 2.97 17.21 -15.70
C GLY A 9 2.60 18.12 -14.55
N LEU A 10 1.93 19.22 -14.89
CA LEU A 10 1.60 20.23 -13.88
C LEU A 10 0.23 20.13 -13.21
N ALA A 11 -0.11 18.96 -12.72
CA ALA A 11 -1.27 18.83 -11.83
C ALA A 11 -0.75 19.28 -10.45
N VAL A 12 -1.56 19.27 -9.42
CA VAL A 12 -1.15 19.77 -8.09
C VAL A 12 0.02 18.92 -7.52
N MET A 13 0.03 17.61 -7.74
CA MET A 13 1.14 16.74 -7.33
C MET A 13 2.46 17.21 -7.92
N GLY A 14 2.47 17.53 -9.22
CA GLY A 14 3.65 17.97 -9.94
C GLY A 14 4.14 19.30 -9.42
N GLN A 15 3.22 20.24 -9.32
CA GLN A 15 3.52 21.59 -8.85
C GLN A 15 4.12 21.56 -7.46
N ASN A 16 3.54 20.77 -6.56
CA ASN A 16 4.05 20.70 -5.19
C ASN A 16 5.45 20.10 -5.12
N LEU A 17 5.73 19.09 -5.93
CA LEU A 17 7.04 18.45 -5.98
C LEU A 17 8.06 19.44 -6.54
N ILE A 18 7.72 20.23 -7.56
CA ILE A 18 8.60 21.25 -8.12
C ILE A 18 8.94 22.26 -7.02
N LEU A 19 7.93 22.80 -6.34
CA LEU A 19 8.08 23.75 -5.25
C LEU A 19 8.97 23.14 -4.12
N ASN A 20 8.72 21.91 -3.72
CA ASN A 20 9.53 21.20 -2.72
C ASN A 20 11.00 21.12 -3.15
N MET A 21 11.26 20.79 -4.42
CA MET A 21 12.61 20.72 -4.96
C MET A 21 13.28 22.09 -4.92
N ASN A 22 12.53 23.10 -5.34
CA ASN A 22 13.01 24.49 -5.34
C ASN A 22 13.35 24.93 -3.91
N ASP A 23 12.52 24.61 -2.89
CA ASP A 23 12.78 24.90 -1.48
C ASP A 23 14.02 24.23 -0.94
N HIS A 24 14.62 23.32 -1.69
CA HIS A 24 15.82 22.61 -1.30
C HIS A 24 16.98 22.98 -2.21
N GLY A 25 16.83 24.06 -2.98
CA GLY A 25 17.92 24.59 -3.78
C GLY A 25 18.24 23.89 -5.09
N PHE A 26 17.23 23.31 -5.71
CA PHE A 26 17.34 22.65 -7.00
C PHE A 26 16.56 23.51 -8.00
N VAL A 27 17.21 23.90 -9.10
CA VAL A 27 16.56 24.66 -10.17
C VAL A 27 15.81 23.66 -11.05
N VAL A 28 14.50 23.81 -11.15
CA VAL A 28 13.61 22.89 -11.84
C VAL A 28 13.12 23.63 -13.07
N CYS A 29 12.94 22.90 -14.16
CA CYS A 29 12.35 23.43 -15.39
C CYS A 29 11.02 22.67 -15.47
N ALA A 30 9.94 23.42 -15.49
CA ALA A 30 8.60 22.89 -15.53
C ALA A 30 8.11 22.79 -16.95
N PHE A 31 7.32 21.77 -17.22
CA PHE A 31 6.66 21.60 -18.51
C PHE A 31 5.34 20.86 -18.32
N ASN A 32 4.41 21.02 -19.24
CA ASN A 32 3.10 20.37 -19.25
C ASN A 32 2.66 20.18 -20.71
N ARG A 33 1.79 19.21 -20.99
CA ARG A 33 1.23 18.93 -22.32
C ARG A 33 0.50 20.18 -22.78
N THR A 34 -0.43 20.72 -22.00
CA THR A 34 -1.09 21.95 -22.38
C THR A 34 -0.12 23.00 -21.83
N VAL A 35 0.66 23.62 -22.71
CA VAL A 35 1.72 24.56 -22.36
C VAL A 35 1.29 25.84 -21.65
N SER A 36 0.00 26.16 -21.66
CA SER A 36 -0.49 27.42 -21.08
C SER A 36 -0.32 27.39 -19.54
N LYS A 37 -0.52 26.17 -19.01
CA LYS A 37 -0.45 25.89 -17.58
C LYS A 37 0.94 26.20 -17.01
N VAL A 38 1.96 26.15 -17.88
CA VAL A 38 3.32 26.45 -17.46
C VAL A 38 3.38 27.95 -17.10
N ASP A 39 2.84 28.85 -17.93
CA ASP A 39 2.89 30.28 -17.62
C ASP A 39 2.08 30.64 -16.39
N ASP A 40 0.93 29.98 -16.31
CA ASP A 40 -0.01 30.11 -15.22
C ASP A 40 0.71 29.79 -13.89
N PHE A 41 1.43 28.69 -13.85
CA PHE A 41 2.21 28.29 -12.69
C PHE A 41 3.28 29.31 -12.34
N LEU A 42 4.06 29.73 -13.33
CA LEU A 42 5.14 30.70 -13.17
C LEU A 42 4.71 32.10 -12.70
N ALA A 43 3.49 32.50 -13.02
CA ALA A 43 2.93 33.75 -12.58
C ALA A 43 2.39 33.65 -11.17
N ASN A 44 1.85 32.47 -10.84
CA ASN A 44 1.19 32.27 -9.55
C ASN A 44 2.05 31.50 -8.56
N GLU A 45 1.86 30.19 -8.28
CA GLU A 45 2.61 29.45 -7.26
C GLU A 45 4.13 29.57 -7.34
N ALA A 46 4.66 29.70 -8.55
CA ALA A 46 6.09 29.76 -8.77
C ALA A 46 6.64 31.18 -8.94
N LYS A 47 5.94 32.22 -8.50
CA LYS A 47 6.47 33.57 -8.69
C LYS A 47 7.47 33.77 -7.56
N GLY A 48 8.62 34.29 -7.94
CA GLY A 48 9.68 34.61 -6.98
C GLY A 48 10.49 33.41 -6.54
N THR A 49 10.50 32.37 -7.37
CA THR A 49 11.26 31.13 -7.14
C THR A 49 12.30 30.89 -8.25
N LYS A 50 13.18 29.93 -8.03
CA LYS A 50 14.27 29.65 -8.96
C LYS A 50 13.92 28.83 -10.20
N VAL A 51 12.65 28.39 -10.30
CA VAL A 51 12.15 27.53 -11.36
C VAL A 51 12.07 28.24 -12.71
N LEU A 52 12.45 27.48 -13.74
CA LEU A 52 12.40 27.90 -15.13
C LEU A 52 11.16 27.25 -15.77
N GLY A 53 10.68 27.83 -16.86
CA GLY A 53 9.52 27.34 -17.58
C GLY A 53 9.98 26.92 -18.95
N ALA A 54 9.27 26.05 -19.63
CA ALA A 54 9.64 25.62 -20.96
C ALA A 54 8.35 25.62 -21.75
N HIS A 55 8.52 25.90 -23.03
CA HIS A 55 7.38 25.93 -23.93
C HIS A 55 7.46 24.95 -25.07
N SER A 56 8.47 24.10 -25.01
CA SER A 56 8.59 23.00 -25.94
C SER A 56 9.51 22.01 -25.24
N LEU A 57 9.40 20.78 -25.71
CA LEU A 57 10.17 19.64 -25.26
C LEU A 57 11.62 19.89 -25.61
N GLU A 58 11.87 20.34 -26.84
CA GLU A 58 13.23 20.61 -27.30
C GLU A 58 13.92 21.73 -26.50
N GLU A 59 13.09 22.69 -26.04
CA GLU A 59 13.59 23.80 -25.21
C GLU A 59 13.85 23.27 -23.82
N MET A 60 12.96 22.42 -23.29
CA MET A 60 13.08 21.87 -21.94
C MET A 60 14.34 21.01 -21.87
N VAL A 61 14.67 20.24 -22.92
CA VAL A 61 15.87 19.42 -22.90
C VAL A 61 17.13 20.32 -22.91
N SER A 62 17.14 21.47 -23.58
CA SER A 62 18.33 22.33 -23.60
C SER A 62 18.56 23.11 -22.31
N LYS A 63 17.51 23.28 -21.50
CA LYS A 63 17.64 23.93 -20.20
C LYS A 63 18.40 23.07 -19.21
N LEU A 64 18.46 21.75 -19.44
CA LEU A 64 19.03 20.80 -18.48
C LEU A 64 20.52 20.59 -18.45
N LYS A 65 20.99 20.42 -17.23
CA LYS A 65 22.39 20.07 -16.96
C LYS A 65 22.51 18.61 -17.38
N LYS A 66 23.69 18.24 -17.85
CA LYS A 66 23.90 16.85 -18.19
C LYS A 66 24.48 16.15 -16.96
N PRO A 67 24.03 14.93 -16.59
CA PRO A 67 23.01 14.10 -17.29
C PRO A 67 21.61 14.66 -17.18
N ARG A 68 20.94 14.91 -18.30
CA ARG A 68 19.54 15.38 -18.29
C ARG A 68 18.66 14.45 -17.42
N ARG A 69 18.19 14.98 -16.30
CA ARG A 69 17.23 14.26 -15.47
C ARG A 69 15.83 14.83 -15.74
N ILE A 70 14.85 14.00 -16.03
CA ILE A 70 13.48 14.44 -16.24
C ILE A 70 12.51 13.40 -15.68
N ILE A 71 11.59 13.98 -14.91
CA ILE A 71 10.53 13.30 -14.19
C ILE A 71 9.26 13.45 -15.02
N LEU A 72 8.46 12.40 -15.07
CA LEU A 72 7.18 12.38 -15.77
C LEU A 72 6.17 12.11 -14.66
N LEU A 73 5.13 12.93 -14.61
CA LEU A 73 4.06 12.75 -13.66
C LEU A 73 2.79 13.01 -14.44
N VAL A 74 2.55 12.13 -15.40
CA VAL A 74 1.36 12.11 -16.26
C VAL A 74 0.53 10.84 -15.92
N LYS A 75 -0.70 10.74 -16.48
CA LYS A 75 -1.57 9.59 -16.23
C LYS A 75 -0.92 8.34 -16.83
N ALA A 76 -0.86 7.32 -16.00
CA ALA A 76 -0.21 6.07 -16.35
C ALA A 76 -0.87 5.37 -17.53
N GLY A 77 -0.05 4.74 -18.35
CA GLY A 77 -0.49 3.99 -19.49
C GLY A 77 0.20 4.49 -20.73
N GLN A 78 -0.62 4.88 -21.69
CA GLN A 78 -0.11 5.31 -22.98
C GLN A 78 0.66 6.63 -22.90
N ALA A 79 0.21 7.59 -22.09
CA ALA A 79 0.82 8.91 -22.03
C ALA A 79 2.31 8.86 -21.73
N VAL A 80 2.70 8.02 -20.76
CA VAL A 80 4.11 7.76 -20.36
C VAL A 80 4.92 7.31 -21.58
N ASP A 81 4.38 6.38 -22.35
CA ASP A 81 5.04 5.88 -23.54
C ASP A 81 5.16 6.92 -24.64
N ASN A 82 4.10 7.68 -24.80
CA ASN A 82 4.04 8.74 -25.80
C ASN A 82 5.15 9.73 -25.45
N PHE A 83 5.26 10.15 -24.20
CA PHE A 83 6.29 11.07 -23.78
C PHE A 83 7.70 10.50 -23.90
N ILE A 84 7.86 9.22 -23.55
CA ILE A 84 9.13 8.50 -23.68
C ILE A 84 9.57 8.54 -25.15
N GLU A 85 8.67 8.17 -26.05
CA GLU A 85 8.91 8.14 -27.48
C GLU A 85 9.38 9.49 -27.97
N LYS A 86 8.72 10.59 -27.57
CA LYS A 86 9.14 11.92 -27.99
C LYS A 86 10.50 12.33 -27.44
N LEU A 87 10.86 11.97 -26.21
CA LEU A 87 12.10 12.41 -25.57
C LEU A 87 13.36 11.72 -26.06
N VAL A 88 13.26 10.46 -26.46
CA VAL A 88 14.45 9.69 -26.84
C VAL A 88 15.24 10.27 -28.01
N PRO A 89 14.73 10.69 -29.18
CA PRO A 89 15.54 11.40 -30.18
C PRO A 89 16.23 12.64 -29.64
N LEU A 90 15.67 13.25 -28.59
CA LEU A 90 16.23 14.47 -28.01
C LEU A 90 17.27 14.23 -26.93
N LEU A 91 17.48 13.00 -26.49
CA LEU A 91 18.40 12.78 -25.38
C LEU A 91 19.74 12.12 -25.68
N ASP A 92 20.73 12.52 -24.90
CA ASP A 92 22.05 11.88 -24.98
C ASP A 92 22.09 10.58 -24.18
N ILE A 93 23.11 9.84 -24.52
CA ILE A 93 23.36 8.54 -23.91
C ILE A 93 23.82 8.82 -22.47
N GLY A 94 23.11 8.21 -21.53
CA GLY A 94 23.37 8.40 -20.11
C GLY A 94 22.37 9.31 -19.42
N ASP A 95 21.36 9.82 -20.15
CA ASP A 95 20.30 10.68 -19.61
C ASP A 95 19.19 9.83 -18.96
N ILE A 96 18.55 10.44 -17.96
CA ILE A 96 17.66 9.77 -17.01
C ILE A 96 16.19 10.19 -17.07
N ILE A 97 15.27 9.31 -17.41
CA ILE A 97 13.85 9.63 -17.41
C ILE A 97 13.34 8.91 -16.14
N ILE A 98 12.44 9.53 -15.41
CA ILE A 98 11.97 9.02 -14.14
C ILE A 98 10.45 9.06 -14.22
N ASP A 99 9.75 7.94 -14.12
CA ASP A 99 8.28 7.94 -14.13
C ASP A 99 7.80 7.83 -12.68
N GLY A 100 7.15 8.89 -12.24
CA GLY A 100 6.60 8.98 -10.89
C GLY A 100 5.11 8.65 -10.76
N GLY A 101 4.45 8.35 -11.86
CA GLY A 101 3.03 8.01 -11.83
C GLY A 101 2.80 6.59 -11.33
N ASN A 102 1.57 6.26 -10.98
CA ASN A 102 1.26 4.92 -10.48
C ASN A 102 1.11 3.94 -11.65
N SER A 103 2.27 3.60 -12.17
CA SER A 103 2.37 2.68 -13.29
C SER A 103 2.44 1.29 -12.69
N GLU A 104 1.94 0.29 -13.40
CA GLU A 104 2.12 -1.06 -12.92
C GLU A 104 3.51 -1.55 -13.35
N TYR A 105 4.02 -2.31 -12.42
CA TYR A 105 5.39 -2.77 -12.44
C TYR A 105 5.86 -3.47 -13.72
N ARG A 106 4.99 -4.13 -14.46
CA ARG A 106 5.46 -4.83 -15.65
C ARG A 106 5.76 -3.91 -16.84
N ASP A 107 5.15 -2.73 -16.87
CA ASP A 107 5.39 -1.72 -17.90
C ASP A 107 6.74 -1.06 -17.64
N THR A 108 7.00 -0.84 -16.36
CA THR A 108 8.23 -0.27 -15.89
C THR A 108 9.40 -1.17 -16.30
N MET A 109 9.34 -2.51 -16.18
CA MET A 109 10.49 -3.32 -16.56
C MET A 109 10.69 -3.42 -18.05
N ARG A 110 9.60 -3.28 -18.80
CA ARG A 110 9.60 -3.26 -20.26
C ARG A 110 10.36 -2.02 -20.72
N ARG A 111 9.87 -0.90 -20.21
CA ARG A 111 10.44 0.39 -20.55
C ARG A 111 11.90 0.46 -20.11
N CYS A 112 12.24 -0.09 -18.95
CA CYS A 112 13.59 -0.03 -18.44
C CYS A 112 14.56 -0.79 -19.35
N ARG A 113 14.22 -2.01 -19.79
CA ARG A 113 15.05 -2.82 -20.67
C ARG A 113 15.23 -2.11 -22.02
N ASP A 114 14.12 -1.74 -22.66
CA ASP A 114 14.13 -1.01 -23.92
C ASP A 114 15.00 0.25 -23.85
N LEU A 115 14.75 1.14 -22.92
CA LEU A 115 15.55 2.35 -22.82
C LEU A 115 17.00 2.03 -22.49
N LYS A 116 17.29 1.02 -21.66
CA LYS A 116 18.64 0.63 -21.29
C LYS A 116 19.45 0.35 -22.54
N ASP A 117 18.95 -0.41 -23.51
CA ASP A 117 19.83 -0.64 -24.64
C ASP A 117 19.78 0.50 -25.65
N LYS A 118 18.97 1.54 -25.43
CA LYS A 118 19.09 2.74 -26.26
C LYS A 118 20.02 3.73 -25.52
N GLY A 119 20.64 3.31 -24.41
CA GLY A 119 21.56 4.15 -23.65
C GLY A 119 20.91 5.12 -22.66
N ILE A 120 19.58 5.12 -22.56
CA ILE A 120 18.81 6.05 -21.70
C ILE A 120 18.53 5.29 -20.40
N LEU A 121 18.83 5.88 -19.25
CA LEU A 121 18.65 5.25 -17.94
C LEU A 121 17.27 5.56 -17.35
N PHE A 122 16.49 4.53 -17.10
CA PHE A 122 15.14 4.66 -16.57
C PHE A 122 14.97 4.25 -15.11
N VAL A 123 14.09 4.98 -14.45
CA VAL A 123 13.68 4.66 -13.10
C VAL A 123 12.20 5.01 -12.93
N GLY A 124 11.50 4.03 -12.39
CA GLY A 124 10.12 4.22 -12.02
C GLY A 124 10.09 4.41 -10.52
N SER A 125 9.62 5.54 -10.07
CA SER A 125 9.53 5.78 -8.66
C SER A 125 8.07 5.86 -8.24
N GLY A 126 7.75 5.28 -7.10
CA GLY A 126 6.41 5.45 -6.55
C GLY A 126 6.45 6.70 -5.68
N VAL A 127 5.35 7.52 -5.69
CA VAL A 127 5.33 8.66 -4.78
C VAL A 127 4.08 8.42 -3.93
N SER A 128 4.24 8.64 -2.64
CA SER A 128 3.16 8.49 -1.71
C SER A 128 3.15 9.71 -0.80
N GLY A 129 1.97 10.15 -0.41
CA GLY A 129 1.86 11.29 0.48
C GLY A 129 0.76 12.24 0.06
N GLY A 130 0.41 12.29 -1.22
CA GLY A 130 -0.63 13.20 -1.70
C GLY A 130 -0.15 14.62 -1.82
N GLU A 131 -1.04 15.57 -2.06
CA GLU A 131 -0.72 16.97 -2.33
C GLU A 131 0.26 17.65 -1.39
N ASP A 132 -0.06 17.80 -0.10
CA ASP A 132 0.87 18.47 0.82
C ASP A 132 1.94 17.55 1.38
N GLY A 133 1.80 16.26 1.10
CA GLY A 133 2.87 15.32 1.38
C GLY A 133 3.97 15.65 0.39
N ALA A 134 3.62 15.68 -0.90
CA ALA A 134 4.48 16.05 -2.03
C ALA A 134 5.13 17.43 -1.81
N ARG A 135 4.35 18.35 -1.26
CA ARG A 135 4.82 19.70 -1.02
C ARG A 135 5.94 19.79 -0.01
N TYR A 136 5.81 19.15 1.17
CA TYR A 136 6.78 19.34 2.22
C TYR A 136 7.55 18.08 2.65
N GLY A 137 7.36 16.96 1.95
CA GLY A 137 8.14 15.78 2.30
C GLY A 137 7.44 14.50 1.98
N PRO A 138 7.51 13.98 0.74
CA PRO A 138 6.87 12.72 0.35
C PRO A 138 7.66 11.46 0.67
N SER A 139 7.07 10.30 0.44
CA SER A 139 7.77 9.02 0.55
C SER A 139 7.98 8.67 -0.92
N LEU A 140 9.24 8.40 -1.21
CA LEU A 140 9.63 8.12 -2.58
C LEU A 140 10.25 6.76 -2.63
N MET A 141 9.84 5.97 -3.60
CA MET A 141 10.31 4.58 -3.73
C MET A 141 10.86 4.35 -5.13
N PRO A 142 12.11 4.75 -5.45
CA PRO A 142 12.72 4.58 -6.79
C PRO A 142 13.32 3.20 -7.08
N GLY A 143 13.09 2.75 -8.30
CA GLY A 143 13.66 1.50 -8.77
C GLY A 143 13.83 1.59 -10.27
N GLY A 144 14.75 0.81 -10.85
CA GLY A 144 14.98 0.81 -12.29
C GLY A 144 16.39 0.37 -12.64
N ASN A 145 17.17 1.28 -13.20
CA ASN A 145 18.55 1.07 -13.68
C ASN A 145 19.42 1.78 -12.65
N LYS A 146 20.28 1.11 -11.89
CA LYS A 146 21.00 1.77 -10.81
C LYS A 146 21.99 2.86 -11.23
N GLU A 147 22.44 2.96 -12.49
CA GLU A 147 23.35 4.02 -12.95
C GLU A 147 22.74 5.42 -12.80
N ALA A 148 21.41 5.46 -12.78
CA ALA A 148 20.65 6.67 -12.58
C ALA A 148 20.76 7.18 -11.14
N TRP A 149 20.66 6.26 -10.20
CA TRP A 149 20.53 6.59 -8.79
C TRP A 149 21.49 7.62 -8.24
N PRO A 150 22.83 7.56 -8.37
CA PRO A 150 23.70 8.61 -7.81
C PRO A 150 23.41 10.03 -8.35
N HIS A 151 22.80 10.12 -9.52
CA HIS A 151 22.49 11.41 -10.12
C HIS A 151 21.22 12.05 -9.56
N ILE A 152 20.28 11.23 -9.14
CA ILE A 152 19.00 11.73 -8.60
C ILE A 152 18.96 11.64 -7.07
N LYS A 153 19.87 10.89 -6.45
CA LYS A 153 19.88 10.66 -5.01
C LYS A 153 19.74 11.94 -4.19
N ALA A 154 20.51 12.96 -4.49
CA ALA A 154 20.50 14.21 -3.73
C ALA A 154 19.14 14.91 -3.77
N ILE A 155 18.49 14.90 -4.93
CA ILE A 155 17.20 15.54 -5.08
C ILE A 155 16.15 14.76 -4.31
N PHE A 156 16.08 13.47 -4.63
CA PHE A 156 15.10 12.55 -4.10
C PHE A 156 15.11 12.42 -2.59
N GLN A 157 16.30 12.25 -2.04
CA GLN A 157 16.41 12.11 -0.60
C GLN A 157 16.32 13.45 0.09
N GLY A 158 16.51 14.54 -0.65
CA GLY A 158 16.40 15.85 -0.07
C GLY A 158 14.96 16.30 0.09
N ILE A 159 14.12 16.08 -0.91
CA ILE A 159 12.70 16.46 -0.87
C ILE A 159 11.87 15.50 -0.04
N ALA A 160 12.41 14.31 0.21
CA ALA A 160 11.74 13.25 0.94
C ALA A 160 11.55 13.63 2.40
N ALA A 161 10.54 12.95 2.94
CA ALA A 161 10.21 13.03 4.34
C ALA A 161 11.39 12.54 5.16
N LYS A 162 11.51 13.04 6.39
CA LYS A 162 12.58 12.65 7.29
C LYS A 162 11.96 12.04 8.56
N VAL A 163 12.59 10.95 8.97
CA VAL A 163 12.28 10.19 10.18
C VAL A 163 13.07 10.86 11.31
N GLY A 164 12.59 11.07 12.54
CA GLY A 164 13.31 11.71 13.64
C GLY A 164 14.81 11.42 13.83
N THR A 165 15.37 10.37 13.24
CA THR A 165 16.80 10.04 13.26
C THR A 165 17.55 10.73 12.12
N GLY A 166 16.85 11.57 11.34
CA GLY A 166 17.39 12.29 10.21
C GLY A 166 17.36 11.54 8.87
N GLU A 167 17.06 10.23 8.88
CA GLU A 167 16.99 9.44 7.64
C GLU A 167 15.85 9.87 6.72
N PRO A 168 16.09 9.94 5.40
CA PRO A 168 15.04 10.13 4.40
C PRO A 168 14.14 8.91 4.17
N CYS A 169 12.88 9.16 3.87
CA CYS A 169 11.95 8.09 3.54
C CYS A 169 12.01 7.94 2.02
N CYS A 170 13.17 7.46 1.60
CA CYS A 170 13.50 7.29 0.18
C CYS A 170 14.90 6.70 0.11
N ASP A 171 15.04 5.61 -0.62
CA ASP A 171 16.31 4.97 -0.90
C ASP A 171 16.03 4.04 -2.06
N TRP A 172 17.06 3.52 -2.71
CA TRP A 172 16.94 2.64 -3.87
C TRP A 172 16.30 1.32 -3.46
N VAL A 173 15.20 0.96 -4.10
CA VAL A 173 14.46 -0.26 -3.74
C VAL A 173 15.04 -1.50 -4.41
N GLY A 174 15.34 -1.38 -5.71
CA GLY A 174 15.87 -2.46 -6.51
C GLY A 174 15.78 -2.14 -7.98
N ASP A 175 16.14 -3.12 -8.79
CA ASP A 175 16.05 -3.12 -10.24
C ASP A 175 14.63 -3.07 -10.82
N ASP A 176 14.59 -2.83 -12.14
CA ASP A 176 13.43 -2.84 -13.00
C ASP A 176 12.20 -2.20 -12.33
N GLY A 177 11.14 -2.97 -12.01
CA GLY A 177 9.91 -2.46 -11.47
C GLY A 177 9.81 -2.58 -9.95
N ALA A 178 10.90 -2.82 -9.22
CA ALA A 178 10.86 -2.93 -7.77
C ALA A 178 10.20 -1.74 -7.06
N GLY A 179 10.51 -0.48 -7.40
CA GLY A 179 9.94 0.69 -6.74
C GLY A 179 8.44 0.75 -6.96
N HIS A 180 8.01 0.48 -8.20
CA HIS A 180 6.59 0.47 -8.52
C HIS A 180 5.83 -0.73 -7.91
N PHE A 181 6.49 -1.89 -7.77
CA PHE A 181 5.85 -3.04 -7.12
C PHE A 181 5.71 -2.73 -5.63
N VAL A 182 6.70 -2.09 -5.04
CA VAL A 182 6.65 -1.75 -3.61
C VAL A 182 5.53 -0.74 -3.35
N LYS A 183 5.41 0.21 -4.29
CA LYS A 183 4.37 1.26 -4.22
C LYS A 183 2.99 0.64 -4.23
N MET A 184 2.80 -0.32 -5.13
CA MET A 184 1.56 -1.05 -5.26
C MET A 184 1.29 -1.78 -3.94
N VAL A 185 2.27 -2.48 -3.38
CA VAL A 185 2.01 -3.21 -2.13
C VAL A 185 1.69 -2.23 -1.00
N HIS A 186 2.32 -1.07 -1.01
CA HIS A 186 2.03 -0.01 -0.05
C HIS A 186 0.53 0.28 -0.08
N ASN A 187 -0.01 0.49 -1.27
CA ASN A 187 -1.42 0.79 -1.43
C ASN A 187 -2.33 -0.33 -1.00
N GLY A 188 -1.89 -1.57 -1.26
CA GLY A 188 -2.60 -2.76 -0.84
C GLY A 188 -2.76 -2.73 0.67
N ILE A 189 -1.63 -2.51 1.33
CA ILE A 189 -1.62 -2.48 2.79
C ILE A 189 -2.48 -1.31 3.31
N GLU A 190 -2.55 -0.20 2.57
CA GLU A 190 -3.38 0.96 2.90
C GLU A 190 -4.86 0.56 2.88
N TYR A 191 -5.27 -0.17 1.85
CA TYR A 191 -6.63 -0.68 1.71
C TYR A 191 -7.04 -1.53 2.93
N GLY A 192 -6.12 -2.41 3.33
CA GLY A 192 -6.30 -3.30 4.47
C GLY A 192 -6.52 -2.57 5.78
N ASP A 193 -5.66 -1.59 6.04
CA ASP A 193 -5.75 -0.79 7.25
C ASP A 193 -7.01 0.01 7.27
N MET A 194 -7.45 0.53 6.13
CA MET A 194 -8.72 1.28 6.05
C MET A 194 -9.89 0.35 6.36
N GLN A 195 -9.90 -0.85 5.78
CA GLN A 195 -10.97 -1.83 6.03
C GLN A 195 -11.04 -2.27 7.48
N LEU A 196 -9.87 -2.51 8.08
CA LEU A 196 -9.75 -2.89 9.50
C LEU A 196 -10.40 -1.83 10.42
N ILE A 197 -10.09 -0.56 10.16
CA ILE A 197 -10.63 0.57 10.89
C ILE A 197 -12.14 0.58 10.71
N CYS A 198 -12.64 0.36 9.49
CA CYS A 198 -14.08 0.37 9.27
C CYS A 198 -14.78 -0.69 10.10
N GLU A 199 -14.15 -1.86 10.25
CA GLU A 199 -14.75 -2.93 11.04
C GLU A 199 -14.79 -2.60 12.52
N ALA A 200 -13.72 -2.04 13.06
CA ALA A 200 -13.69 -1.59 14.47
C ALA A 200 -14.84 -0.61 14.67
N TYR A 201 -14.97 0.37 13.77
CA TYR A 201 -16.04 1.38 13.76
C TYR A 201 -17.44 0.79 13.76
N HIS A 202 -17.62 -0.22 12.92
CA HIS A 202 -18.89 -0.92 12.87
C HIS A 202 -19.23 -1.61 14.21
N LEU A 203 -18.27 -2.22 14.89
CA LEU A 203 -18.55 -2.86 16.17
C LEU A 203 -18.95 -1.83 17.23
N MET A 204 -18.30 -0.68 17.24
CA MET A 204 -18.64 0.40 18.17
C MET A 204 -20.06 0.93 17.92
N LYS A 205 -20.36 1.28 16.66
CA LYS A 205 -21.65 1.80 16.28
C LYS A 205 -22.79 0.83 16.60
N ASP A 206 -22.75 -0.37 16.04
CA ASP A 206 -23.85 -1.31 16.18
C ASP A 206 -23.86 -2.29 17.35
N VAL A 207 -22.74 -2.68 17.94
CA VAL A 207 -22.79 -3.58 19.09
C VAL A 207 -22.86 -2.72 20.34
N LEU A 208 -21.88 -1.83 20.44
CA LEU A 208 -21.71 -0.94 21.57
C LEU A 208 -22.61 0.29 21.56
N GLY A 209 -23.24 0.70 20.47
CA GLY A 209 -24.19 1.81 20.49
C GLY A 209 -23.59 3.19 20.71
N LEU A 210 -22.35 3.37 20.29
CA LEU A 210 -21.66 4.65 20.43
C LEU A 210 -21.99 5.68 19.36
N GLY A 211 -22.21 6.90 19.83
CA GLY A 211 -22.42 8.03 18.95
C GLY A 211 -21.07 8.45 18.39
N HIS A 212 -21.00 9.29 17.37
CA HIS A 212 -19.71 9.59 16.76
C HIS A 212 -18.79 10.40 17.65
N LYS A 213 -19.28 11.13 18.66
CA LYS A 213 -18.38 11.83 19.56
C LYS A 213 -17.63 10.83 20.43
N GLU A 214 -18.29 9.83 21.03
CA GLU A 214 -17.60 8.88 21.91
C GLU A 214 -16.67 8.00 21.07
N MET A 215 -17.18 7.69 19.89
CA MET A 215 -16.47 6.91 18.88
C MET A 215 -15.19 7.66 18.46
N ALA A 216 -15.20 8.99 18.24
CA ALA A 216 -13.99 9.74 17.92
C ALA A 216 -13.05 9.80 19.13
N LYS A 217 -13.63 9.87 20.32
CA LYS A 217 -12.88 9.87 21.58
C LYS A 217 -12.09 8.55 21.73
N ALA A 218 -12.73 7.44 21.35
CA ALA A 218 -12.10 6.11 21.42
C ALA A 218 -10.95 6.05 20.41
N PHE A 219 -11.18 6.53 19.19
CA PHE A 219 -10.09 6.58 18.21
C PHE A 219 -8.92 7.46 18.70
N GLU A 220 -9.15 8.66 19.26
CA GLU A 220 -8.05 9.51 19.75
C GLU A 220 -7.19 8.81 20.81
N GLU A 221 -7.82 8.08 21.73
CA GLU A 221 -7.10 7.29 22.73
C GLU A 221 -6.21 6.26 22.07
N TRP A 222 -6.75 5.58 21.08
CA TRP A 222 -6.04 4.53 20.34
C TRP A 222 -4.82 5.04 19.58
N ASN A 223 -4.92 6.28 19.11
CA ASN A 223 -3.82 6.91 18.42
C ASN A 223 -2.72 7.26 19.42
N LYS A 224 -2.91 7.16 20.74
CA LYS A 224 -1.85 7.36 21.74
C LYS A 224 -1.28 6.01 22.20
N THR A 225 -1.79 4.88 21.72
CA THR A 225 -1.29 3.57 22.09
C THR A 225 -0.49 3.02 20.89
N GLU A 226 -0.36 1.70 20.73
CA GLU A 226 0.41 1.09 19.64
C GLU A 226 -0.16 1.41 18.28
N LEU A 227 -1.42 1.80 18.24
CA LEU A 227 -2.09 2.14 16.99
C LEU A 227 -1.79 3.53 16.48
N ASP A 228 -0.83 4.23 17.09
CA ASP A 228 -0.50 5.58 16.68
C ASP A 228 -0.18 5.59 15.18
N SER A 229 -1.07 6.13 14.36
CA SER A 229 -0.83 6.24 12.92
C SER A 229 -1.61 7.39 12.29
N PHE A 230 -1.25 7.76 11.07
CA PHE A 230 -1.89 8.80 10.30
C PHE A 230 -3.37 8.44 10.15
N LEU A 231 -3.65 7.21 9.72
CA LEU A 231 -5.01 6.76 9.47
C LEU A 231 -5.89 6.74 10.71
N ILE A 232 -5.37 6.36 11.88
CA ILE A 232 -6.18 6.38 13.10
C ILE A 232 -6.45 7.84 13.47
N GLU A 233 -5.45 8.68 13.27
CA GLU A 233 -5.55 10.09 13.61
C GLU A 233 -6.66 10.78 12.82
N ILE A 234 -6.62 10.61 11.51
CA ILE A 234 -7.61 11.29 10.69
C ILE A 234 -8.98 10.66 10.79
N THR A 235 -9.11 9.37 11.10
CA THR A 235 -10.44 8.80 11.35
C THR A 235 -11.09 9.53 12.55
N ALA A 236 -10.32 9.85 13.60
CA ALA A 236 -10.87 10.56 14.75
C ALA A 236 -11.36 11.92 14.26
N SER A 237 -10.59 12.61 13.41
CA SER A 237 -11.02 13.89 12.84
C SER A 237 -12.34 13.76 12.05
N ILE A 238 -12.42 12.75 11.19
CA ILE A 238 -13.57 12.50 10.34
C ILE A 238 -14.87 12.27 11.12
N LEU A 239 -14.78 11.52 12.23
CA LEU A 239 -15.92 11.20 13.10
C LEU A 239 -16.42 12.43 13.86
N LYS A 240 -15.50 13.31 14.25
CA LYS A 240 -15.83 14.54 14.95
C LYS A 240 -16.48 15.57 14.03
N PHE A 241 -16.13 15.54 12.74
CA PHE A 241 -16.57 16.50 11.75
C PHE A 241 -18.07 16.64 11.54
N GLN A 242 -18.43 17.90 11.73
CA GLN A 242 -19.81 18.37 11.59
C GLN A 242 -19.85 19.24 10.37
N ASP A 243 -20.94 19.03 9.68
CA ASP A 243 -21.28 19.75 8.48
C ASP A 243 -21.93 21.08 8.92
N ALA A 244 -22.24 21.92 7.91
CA ALA A 244 -22.82 23.27 8.05
C ALA A 244 -24.11 23.38 8.86
N ASP A 245 -24.86 22.29 8.97
CA ASP A 245 -26.10 22.29 9.71
C ASP A 245 -25.90 21.90 11.18
N GLY A 246 -24.67 21.75 11.65
CA GLY A 246 -24.40 21.30 13.00
C GLY A 246 -24.26 19.79 13.14
N LYS A 247 -24.93 19.00 12.31
CA LYS A 247 -24.86 17.54 12.41
C LYS A 247 -23.61 16.92 11.79
N HIS A 248 -23.27 15.70 12.20
CA HIS A 248 -22.10 14.98 11.71
C HIS A 248 -22.19 14.60 10.23
N LEU A 249 -21.14 14.90 9.48
CA LEU A 249 -21.10 14.67 8.04
C LEU A 249 -20.98 13.19 7.61
N LEU A 250 -20.18 12.37 8.30
CA LEU A 250 -19.91 10.98 7.89
C LEU A 250 -21.15 10.13 7.62
N PRO A 251 -22.17 10.03 8.52
CA PRO A 251 -23.38 9.22 8.25
C PRO A 251 -24.26 9.67 7.05
N LYS A 252 -23.91 10.82 6.51
CA LYS A 252 -24.56 11.36 5.35
C LYS A 252 -23.86 10.89 4.10
N ILE A 253 -22.59 10.48 4.08
CA ILE A 253 -22.00 10.18 2.79
C ILE A 253 -22.23 8.72 2.41
N ARG A 254 -22.34 8.52 1.12
CA ARG A 254 -22.66 7.24 0.50
C ARG A 254 -21.57 6.18 0.64
N ASP A 255 -22.03 5.04 1.08
CA ASP A 255 -21.15 3.91 1.36
C ASP A 255 -20.79 3.05 0.13
N SER A 256 -20.31 3.67 -0.94
CA SER A 256 -19.90 2.91 -2.12
C SER A 256 -18.45 3.36 -2.28
N ALA A 257 -17.46 2.56 -1.94
CA ALA A 257 -16.05 2.94 -2.00
C ALA A 257 -15.43 2.76 -3.39
N GLY A 258 -14.64 3.74 -3.78
CA GLY A 258 -13.95 3.72 -5.06
C GLY A 258 -12.64 2.94 -4.98
N GLN A 259 -12.02 2.82 -6.15
CA GLN A 259 -10.79 2.08 -6.34
C GLN A 259 -10.16 2.55 -7.62
N LYS A 260 -8.83 2.68 -7.63
CA LYS A 260 -8.12 3.03 -8.83
C LYS A 260 -7.05 1.97 -9.17
N GLY A 261 -7.44 0.70 -9.03
CA GLY A 261 -6.61 -0.42 -9.45
C GLY A 261 -5.42 -0.85 -8.59
N THR A 262 -4.67 0.05 -7.96
CA THR A 262 -3.47 -0.34 -7.22
C THR A 262 -3.70 -1.42 -6.14
N GLY A 263 -4.83 -1.40 -5.45
CA GLY A 263 -5.16 -2.41 -4.46
C GLY A 263 -5.48 -3.77 -5.06
N LYS A 264 -6.19 -3.82 -6.17
CA LYS A 264 -6.53 -5.10 -6.77
C LYS A 264 -5.29 -5.70 -7.39
N TRP A 265 -4.40 -4.91 -7.98
CA TRP A 265 -3.16 -5.43 -8.54
C TRP A 265 -2.35 -6.18 -7.48
N THR A 266 -2.28 -5.72 -6.23
CA THR A 266 -1.58 -6.43 -5.17
C THR A 266 -2.18 -7.84 -4.98
N ALA A 267 -3.52 -7.83 -4.90
CA ALA A 267 -4.27 -9.05 -4.70
C ALA A 267 -4.01 -9.97 -5.89
N ILE A 268 -4.04 -9.49 -7.13
CA ILE A 268 -3.83 -10.32 -8.32
C ILE A 268 -2.39 -10.87 -8.31
N SER A 269 -1.40 -10.07 -7.95
CA SER A 269 -0.01 -10.52 -7.88
C SER A 269 0.14 -11.66 -6.89
N ALA A 270 -0.54 -11.59 -5.75
CA ALA A 270 -0.46 -12.63 -4.74
C ALA A 270 -1.08 -13.92 -5.27
N LEU A 271 -2.19 -13.80 -5.99
CA LEU A 271 -2.82 -14.96 -6.64
C LEU A 271 -1.87 -15.56 -7.68
N GLU A 272 -1.29 -14.74 -8.56
CA GLU A 272 -0.36 -15.20 -9.58
C GLU A 272 0.92 -15.86 -9.05
N TYR A 273 1.40 -15.41 -7.90
CA TYR A 273 2.62 -15.96 -7.34
C TYR A 273 2.40 -16.82 -6.11
N GLY A 274 1.16 -17.13 -5.80
CA GLY A 274 0.85 -18.09 -4.76
C GLY A 274 1.23 -17.70 -3.36
N VAL A 275 0.83 -16.51 -2.99
CA VAL A 275 1.19 -15.98 -1.68
C VAL A 275 -0.13 -15.73 -0.96
N PRO A 276 -0.45 -16.28 0.23
CA PRO A 276 -1.77 -16.10 0.89
C PRO A 276 -1.97 -14.69 1.44
N VAL A 277 -2.12 -13.65 0.62
CA VAL A 277 -2.28 -12.25 1.07
C VAL A 277 -3.80 -12.05 1.22
N THR A 278 -4.36 -12.67 2.23
CA THR A 278 -5.80 -12.74 2.35
C THR A 278 -6.47 -11.43 2.76
N LEU A 279 -5.87 -10.66 3.67
CA LEU A 279 -6.58 -9.48 4.18
C LEU A 279 -6.74 -8.43 3.10
N ILE A 280 -5.72 -8.15 2.29
CA ILE A 280 -5.83 -7.20 1.17
C ILE A 280 -6.86 -7.77 0.18
N GLY A 281 -6.86 -9.10 0.00
CA GLY A 281 -7.86 -9.74 -0.81
C GLY A 281 -9.27 -9.33 -0.38
N GLU A 282 -9.53 -9.55 0.91
CA GLU A 282 -10.81 -9.20 1.50
C GLU A 282 -11.19 -7.73 1.50
N ALA A 283 -10.19 -6.86 1.64
CA ALA A 283 -10.37 -5.40 1.62
C ALA A 283 -10.85 -4.98 0.24
N VAL A 284 -10.15 -5.45 -0.80
CA VAL A 284 -10.52 -5.15 -2.19
C VAL A 284 -11.95 -5.66 -2.43
N PHE A 285 -12.29 -6.92 -2.15
CA PHE A 285 -13.65 -7.43 -2.31
C PHE A 285 -14.64 -6.68 -1.41
N ALA A 286 -14.28 -6.26 -0.21
CA ALA A 286 -15.17 -5.48 0.63
C ALA A 286 -15.50 -4.13 -0.07
N ARG A 287 -14.62 -3.56 -0.90
CA ARG A 287 -14.99 -2.33 -1.64
C ARG A 287 -15.96 -2.65 -2.78
N CYS A 288 -15.69 -3.73 -3.51
CA CYS A 288 -16.56 -4.20 -4.58
C CYS A 288 -17.96 -4.41 -4.05
N LEU A 289 -18.07 -5.03 -2.86
CA LEU A 289 -19.34 -5.27 -2.16
C LEU A 289 -20.09 -3.94 -1.93
N SER A 290 -19.39 -2.94 -1.40
CA SER A 290 -20.06 -1.69 -1.12
C SER A 290 -20.53 -1.05 -2.42
N SER A 291 -19.89 -1.28 -3.58
CA SER A 291 -20.33 -0.72 -4.86
C SER A 291 -21.71 -1.20 -5.28
N LEU A 292 -22.08 -2.37 -4.79
CA LEU A 292 -23.34 -3.03 -5.07
C LEU A 292 -24.46 -2.52 -4.16
N LYS A 293 -24.46 -1.22 -3.97
CA LYS A 293 -25.33 -0.50 -3.08
C LYS A 293 -26.80 -0.76 -3.34
N ASP A 294 -27.26 -0.73 -4.59
CA ASP A 294 -28.69 -0.96 -4.82
C ASP A 294 -29.15 -2.38 -4.45
N GLU A 295 -28.30 -3.35 -4.73
CA GLU A 295 -28.59 -4.72 -4.39
C GLU A 295 -28.69 -4.88 -2.90
N ARG A 296 -27.79 -4.25 -2.16
CA ARG A 296 -27.80 -4.37 -0.72
C ARG A 296 -29.06 -3.78 -0.09
N ILE A 297 -29.59 -2.68 -0.61
CA ILE A 297 -30.87 -2.09 -0.15
C ILE A 297 -31.96 -3.19 -0.30
N GLN A 298 -31.99 -3.82 -1.48
CA GLN A 298 -32.97 -4.84 -1.80
C GLN A 298 -32.73 -6.09 -0.97
N ALA A 299 -31.49 -6.45 -0.70
CA ALA A 299 -31.18 -7.61 0.11
C ALA A 299 -31.59 -7.38 1.56
N SER A 300 -31.44 -6.16 2.10
CA SER A 300 -31.79 -5.86 3.49
C SER A 300 -33.28 -6.02 3.77
N LYS A 301 -34.04 -5.87 2.71
CA LYS A 301 -35.50 -6.02 2.76
C LYS A 301 -35.91 -7.49 2.85
N LYS A 302 -35.09 -8.36 2.28
CA LYS A 302 -35.41 -9.76 2.16
C LYS A 302 -34.67 -10.67 3.15
N LEU A 303 -33.36 -10.60 3.19
CA LEU A 303 -32.51 -11.46 4.03
C LEU A 303 -32.58 -11.08 5.50
N LYS A 304 -32.55 -12.10 6.33
CA LYS A 304 -32.73 -11.91 7.77
C LYS A 304 -31.43 -12.10 8.52
N GLY A 305 -31.28 -11.36 9.58
CA GLY A 305 -30.10 -11.45 10.43
C GLY A 305 -30.37 -12.25 11.69
N PRO A 306 -29.43 -12.26 12.67
CA PRO A 306 -29.58 -12.94 13.97
C PRO A 306 -30.63 -12.40 14.94
N GLN A 307 -30.96 -13.18 15.97
CA GLN A 307 -31.93 -12.75 17.00
C GLN A 307 -31.22 -11.57 17.68
N ASN A 308 -31.96 -10.48 17.85
CA ASN A 308 -31.38 -9.28 18.45
C ASN A 308 -31.21 -9.48 19.96
N ILE A 309 -30.02 -9.87 20.37
CA ILE A 309 -29.67 -10.06 21.79
C ILE A 309 -28.91 -8.78 22.17
N PRO A 310 -29.38 -7.92 23.11
CA PRO A 310 -28.63 -6.74 23.59
C PRO A 310 -27.28 -7.11 24.24
N PHE A 311 -26.28 -6.26 24.03
CA PHE A 311 -24.95 -6.49 24.58
C PHE A 311 -25.02 -6.18 26.07
N GLU A 312 -24.77 -7.19 26.87
CA GLU A 312 -24.75 -7.05 28.31
C GLU A 312 -23.28 -7.36 28.61
N GLY A 313 -22.52 -6.34 29.03
CA GLY A 313 -21.10 -6.51 29.30
C GLY A 313 -20.44 -5.16 29.51
N ASP A 314 -19.23 -5.09 30.08
CA ASP A 314 -18.57 -3.81 30.27
C ASP A 314 -18.07 -3.26 28.92
N LYS A 315 -18.79 -2.25 28.44
CA LYS A 315 -18.49 -1.57 27.18
C LYS A 315 -17.05 -1.10 27.10
N LYS A 316 -16.51 -0.55 28.18
CA LYS A 316 -15.11 -0.13 28.23
C LYS A 316 -14.15 -1.30 27.96
N SER A 317 -14.43 -2.48 28.52
CA SER A 317 -13.66 -3.70 28.29
C SER A 317 -13.82 -4.14 26.85
N PHE A 318 -15.03 -4.08 26.29
CA PHE A 318 -15.23 -4.47 24.91
C PHE A 318 -14.51 -3.52 23.96
N LEU A 319 -14.48 -2.24 24.31
CA LEU A 319 -13.78 -1.22 23.55
C LEU A 319 -12.29 -1.60 23.52
N GLU A 320 -11.75 -2.11 24.64
CA GLU A 320 -10.37 -2.59 24.70
C GLU A 320 -10.15 -3.82 23.79
N ASP A 321 -11.12 -4.72 23.77
CA ASP A 321 -11.08 -5.89 22.89
C ASP A 321 -11.00 -5.52 21.43
N ILE A 322 -11.75 -4.51 21.00
CA ILE A 322 -11.74 -4.05 19.61
C ILE A 322 -10.36 -3.46 19.30
N ARG A 323 -9.76 -2.74 20.23
CA ARG A 323 -8.44 -2.14 20.01
C ARG A 323 -7.39 -3.24 19.71
N LYS A 324 -7.35 -4.27 20.56
CA LYS A 324 -6.41 -5.38 20.42
C LYS A 324 -6.72 -6.31 19.24
N ALA A 325 -7.99 -6.47 18.91
CA ALA A 325 -8.37 -7.24 17.75
C ALA A 325 -7.82 -6.55 16.51
N LEU A 326 -7.96 -5.23 16.44
CA LEU A 326 -7.51 -4.42 15.33
C LEU A 326 -5.99 -4.50 15.21
N TYR A 327 -5.27 -4.26 16.30
CA TYR A 327 -3.80 -4.35 16.28
C TYR A 327 -3.35 -5.77 15.88
N ALA A 328 -3.90 -6.86 16.44
CA ALA A 328 -3.52 -8.21 16.05
C ALA A 328 -3.70 -8.48 14.55
N SER A 329 -4.87 -8.07 14.02
CA SER A 329 -5.21 -8.22 12.60
C SER A 329 -4.30 -7.37 11.71
N LYS A 330 -3.88 -6.21 12.21
CA LYS A 330 -2.96 -5.34 11.48
C LYS A 330 -1.63 -6.07 11.28
N ILE A 331 -1.17 -6.77 12.34
CA ILE A 331 0.08 -7.51 12.36
C ILE A 331 0.05 -8.56 11.28
N ILE A 332 -1.03 -9.34 11.13
CA ILE A 332 -1.15 -10.35 10.08
C ILE A 332 -1.13 -9.71 8.68
N SER A 333 -1.81 -8.59 8.44
CA SER A 333 -1.82 -7.93 7.12
C SER A 333 -0.41 -7.59 6.67
N TYR A 334 0.32 -6.96 7.58
CA TYR A 334 1.69 -6.53 7.33
C TYR A 334 2.61 -7.73 7.11
N ALA A 335 2.45 -8.82 7.87
CA ALA A 335 3.21 -10.05 7.67
C ALA A 335 2.97 -10.61 6.25
N GLN A 336 1.70 -10.63 5.81
CA GLN A 336 1.27 -11.06 4.49
C GLN A 336 1.83 -10.19 3.38
N GLY A 337 1.79 -8.86 3.56
CA GLY A 337 2.37 -7.93 2.59
C GLY A 337 3.87 -8.12 2.45
N PHE A 338 4.54 -8.32 3.57
CA PHE A 338 5.96 -8.60 3.55
C PHE A 338 6.24 -10.01 3.02
N MET A 339 5.37 -11.00 3.09
CA MET A 339 5.54 -12.28 2.40
C MET A 339 5.52 -12.06 0.87
N LEU A 340 4.62 -11.19 0.37
CA LEU A 340 4.51 -10.87 -1.06
C LEU A 340 5.82 -10.26 -1.56
N LEU A 341 6.36 -9.27 -0.89
CA LEU A 341 7.65 -8.69 -1.28
C LEU A 341 8.74 -9.77 -1.35
N ARG A 342 8.79 -10.66 -0.35
CA ARG A 342 9.80 -11.74 -0.29
C ARG A 342 9.72 -12.62 -1.52
N GLN A 343 8.50 -12.97 -1.90
CA GLN A 343 8.27 -13.77 -3.10
C GLN A 343 8.57 -13.01 -4.39
N ALA A 344 8.24 -11.74 -4.55
CA ALA A 344 8.55 -11.03 -5.79
C ALA A 344 10.06 -10.88 -5.96
N ALA A 345 10.78 -10.72 -4.85
CA ALA A 345 12.23 -10.67 -4.87
C ALA A 345 12.72 -12.00 -5.45
N THR A 346 12.20 -13.15 -4.99
CA THR A 346 12.57 -14.45 -5.51
C THR A 346 12.18 -14.60 -6.99
N GLU A 347 11.01 -14.15 -7.39
CA GLU A 347 10.56 -14.26 -8.77
C GLU A 347 11.30 -13.43 -9.81
N PHE A 348 11.71 -12.24 -9.42
CA PHE A 348 12.33 -11.33 -10.38
C PHE A 348 13.79 -11.07 -10.00
N GLY A 349 14.34 -11.77 -9.01
CA GLY A 349 15.74 -11.62 -8.65
C GLY A 349 16.11 -10.24 -8.16
N TRP A 350 15.31 -9.67 -7.27
CA TRP A 350 15.59 -8.37 -6.68
C TRP A 350 16.22 -8.64 -5.34
N THR A 351 17.17 -7.81 -4.94
CA THR A 351 17.69 -7.94 -3.60
C THR A 351 17.02 -6.76 -2.90
N LEU A 352 16.06 -7.05 -2.04
CA LEU A 352 15.29 -6.02 -1.36
C LEU A 352 15.77 -5.94 0.08
N ASN A 353 15.65 -4.75 0.63
CA ASN A 353 16.02 -4.51 2.00
C ASN A 353 14.71 -4.12 2.68
N TYR A 354 14.17 -5.08 3.35
CA TYR A 354 12.87 -4.96 3.96
C TYR A 354 12.84 -3.88 5.04
N GLY A 355 13.91 -3.75 5.82
CA GLY A 355 13.99 -2.70 6.81
C GLY A 355 14.10 -1.35 6.11
N GLY A 356 14.68 -1.36 4.91
CA GLY A 356 14.78 -0.18 4.06
C GLY A 356 13.40 0.28 3.62
N ILE A 357 12.62 -0.70 3.18
CA ILE A 357 11.23 -0.50 2.77
C ILE A 357 10.38 -0.05 3.96
N ALA A 358 10.60 -0.63 5.14
CA ALA A 358 9.88 -0.21 6.33
C ALA A 358 10.22 1.25 6.66
N LEU A 359 11.50 1.59 6.60
CA LEU A 359 11.95 2.96 6.86
C LEU A 359 11.32 3.91 5.81
N MET A 360 11.18 3.48 4.56
CA MET A 360 10.52 4.30 3.57
C MET A 360 9.01 4.44 3.83
N TRP A 361 8.37 3.55 4.56
CA TRP A 361 6.94 3.66 4.88
C TRP A 361 6.71 4.33 6.25
N ARG A 362 7.80 4.68 6.94
CA ARG A 362 7.71 5.22 8.28
C ARG A 362 7.17 6.65 8.27
N GLY A 363 7.39 7.41 7.20
CA GLY A 363 6.90 8.77 7.14
C GLY A 363 6.55 9.14 5.72
N GLY A 364 5.92 10.27 5.51
CA GLY A 364 5.56 10.72 4.16
C GLY A 364 4.32 10.03 3.66
N CYS A 365 4.37 8.72 3.57
CA CYS A 365 3.27 7.92 3.07
C CYS A 365 2.06 7.84 4.02
N ILE A 366 0.93 7.49 3.41
CA ILE A 366 -0.37 7.32 4.06
C ILE A 366 -0.25 6.33 5.23
N ILE A 367 0.54 5.25 5.10
CA ILE A 367 0.45 4.22 6.15
C ILE A 367 1.36 4.42 7.35
N ARG A 368 1.99 5.60 7.37
CA ARG A 368 2.96 5.94 8.38
C ARG A 368 2.37 5.76 9.78
N SER A 369 3.23 5.19 10.64
CA SER A 369 2.94 4.89 12.03
C SER A 369 4.23 4.41 12.67
N VAL A 370 4.22 4.50 14.00
CA VAL A 370 5.29 4.00 14.86
C VAL A 370 5.55 2.52 14.56
N PHE A 371 4.48 1.81 14.20
CA PHE A 371 4.45 0.39 13.85
C PHE A 371 5.51 0.00 12.81
N LEU A 372 5.70 0.80 11.76
CA LEU A 372 6.73 0.52 10.74
C LEU A 372 8.14 0.52 11.35
N GLY A 373 8.31 1.29 12.42
CA GLY A 373 9.58 1.38 13.12
C GLY A 373 9.86 0.06 13.84
N LYS A 374 8.82 -0.50 14.40
CA LYS A 374 8.95 -1.81 15.02
C LYS A 374 9.27 -2.85 13.94
N ILE A 375 8.67 -2.77 12.77
CA ILE A 375 9.05 -3.67 11.69
C ILE A 375 10.49 -3.45 11.20
N LYS A 376 11.05 -2.24 11.15
CA LYS A 376 12.45 -2.03 10.79
C LYS A 376 13.33 -2.74 11.82
N ASP A 377 13.01 -2.61 13.12
CA ASP A 377 13.73 -3.28 14.20
C ASP A 377 13.77 -4.79 13.96
N ALA A 378 12.61 -5.36 13.66
CA ALA A 378 12.50 -6.79 13.37
C ALA A 378 13.48 -7.23 12.26
N PHE A 379 13.64 -6.40 11.24
CA PHE A 379 14.49 -6.77 10.14
C PHE A 379 15.93 -6.36 10.36
N ASP A 380 16.17 -5.42 11.25
CA ASP A 380 17.54 -5.00 11.53
C ASP A 380 18.25 -6.08 12.32
N ARG A 381 17.56 -6.64 13.33
CA ARG A 381 18.13 -7.66 14.16
C ARG A 381 18.17 -9.02 13.47
N ASN A 382 17.33 -9.26 12.45
CA ASN A 382 17.47 -10.44 11.65
C ASN A 382 17.03 -10.08 10.24
N PRO A 383 17.97 -9.70 9.35
CA PRO A 383 17.69 -9.36 7.94
C PRO A 383 17.07 -10.50 7.13
N GLY A 384 17.36 -11.73 7.53
CA GLY A 384 16.83 -12.84 6.77
C GLY A 384 15.55 -13.35 7.37
N LEU A 385 14.85 -12.55 8.18
CA LEU A 385 13.61 -12.98 8.82
C LEU A 385 12.59 -13.45 7.79
N GLN A 386 12.14 -14.70 7.95
CA GLN A 386 11.23 -15.35 7.03
C GLN A 386 9.79 -14.89 7.01
N ASN A 387 9.33 -14.42 8.18
CA ASN A 387 7.97 -13.93 8.35
C ASN A 387 8.00 -13.13 9.63
N LEU A 388 7.30 -12.01 9.62
CA LEU A 388 7.16 -11.05 10.70
C LEU A 388 6.68 -11.63 12.04
N LEU A 389 5.77 -12.59 11.99
CA LEU A 389 5.21 -13.27 13.15
C LEU A 389 6.23 -14.11 13.90
N LEU A 390 7.33 -14.50 13.25
CA LEU A 390 8.39 -15.25 13.89
C LEU A 390 9.34 -14.35 14.68
N ASP A 391 9.13 -13.04 14.66
CA ASP A 391 9.92 -12.11 15.44
C ASP A 391 9.25 -11.98 16.82
N ASP A 392 10.04 -11.99 17.89
CA ASP A 392 9.54 -11.90 19.26
C ASP A 392 8.60 -10.78 19.58
N PHE A 393 8.76 -9.59 19.04
CA PHE A 393 7.83 -8.48 19.33
C PHE A 393 6.40 -8.80 18.86
N PHE A 394 6.32 -9.30 17.64
CA PHE A 394 5.04 -9.59 17.02
C PHE A 394 4.44 -10.84 17.61
N LYS A 395 5.30 -11.80 17.90
CA LYS A 395 4.95 -13.04 18.57
C LYS A 395 4.22 -12.66 19.86
N SER A 396 4.86 -11.86 20.70
CA SER A 396 4.30 -11.46 21.98
C SER A 396 3.06 -10.57 21.89
N ALA A 397 3.04 -9.66 20.93
CA ALA A 397 1.90 -8.78 20.68
C ALA A 397 0.65 -9.57 20.32
N VAL A 398 0.74 -10.47 19.34
CA VAL A 398 -0.38 -11.31 18.91
C VAL A 398 -0.80 -12.19 20.08
N GLU A 399 0.17 -12.80 20.78
CA GLU A 399 -0.09 -13.66 21.94
C GLU A 399 -0.86 -12.92 23.04
N ASN A 400 -0.56 -11.65 23.24
CA ASN A 400 -1.24 -10.83 24.23
C ASN A 400 -2.67 -10.48 23.81
N CYS A 401 -2.86 -10.19 22.52
CA CYS A 401 -4.14 -9.80 21.92
C CYS A 401 -5.16 -10.90 21.67
N GLN A 402 -4.66 -12.12 21.57
CA GLN A 402 -5.43 -13.32 21.27
C GLN A 402 -6.81 -13.44 21.90
N ASP A 403 -6.94 -13.19 23.19
CA ASP A 403 -8.21 -13.34 23.87
C ASP A 403 -9.29 -12.36 23.37
N SER A 404 -8.89 -11.10 23.40
CA SER A 404 -9.71 -9.97 22.99
C SER A 404 -10.16 -10.14 21.55
N TRP A 405 -9.20 -10.48 20.70
CA TRP A 405 -9.39 -10.74 19.30
C TRP A 405 -10.43 -11.86 19.12
N ARG A 406 -10.28 -13.04 19.71
CA ARG A 406 -11.29 -14.10 19.59
C ARG A 406 -12.65 -13.66 20.11
N ARG A 407 -12.66 -12.92 21.21
CA ARG A 407 -13.91 -12.41 21.81
C ARG A 407 -14.61 -11.37 20.92
N ALA A 408 -13.88 -10.52 20.24
CA ALA A 408 -14.46 -9.51 19.36
C ALA A 408 -15.02 -10.19 18.10
N ILE A 409 -14.35 -11.20 17.55
CA ILE A 409 -14.85 -11.91 16.38
C ILE A 409 -16.14 -12.62 16.82
N SER A 410 -16.16 -13.45 17.86
CA SER A 410 -17.36 -14.17 18.27
C SER A 410 -18.52 -13.23 18.59
N THR A 411 -18.29 -12.10 19.26
CA THR A 411 -19.37 -11.17 19.49
C THR A 411 -19.86 -10.54 18.17
N GLY A 412 -18.98 -10.21 17.21
CA GLY A 412 -19.38 -9.63 15.94
C GLY A 412 -20.23 -10.61 15.14
N VAL A 413 -19.77 -11.86 15.13
CA VAL A 413 -20.46 -13.01 14.54
C VAL A 413 -21.85 -13.18 15.16
N GLN A 414 -21.97 -13.09 16.47
CA GLN A 414 -23.26 -13.20 17.17
C GLN A 414 -24.27 -12.13 16.73
N ALA A 415 -23.79 -10.89 16.71
CA ALA A 415 -24.59 -9.72 16.38
C ALA A 415 -24.76 -9.50 14.88
N GLY A 416 -24.05 -10.23 14.02
CA GLY A 416 -24.18 -10.13 12.58
C GLY A 416 -23.46 -8.95 11.92
N ILE A 417 -22.39 -8.49 12.55
CA ILE A 417 -21.61 -7.39 11.99
C ILE A 417 -20.54 -8.07 11.11
N PRO A 418 -20.51 -7.68 9.82
CA PRO A 418 -19.59 -8.24 8.86
C PRO A 418 -18.13 -7.86 9.18
N MET A 419 -17.26 -8.83 9.36
CA MET A 419 -15.86 -8.52 9.64
C MET A 419 -14.93 -9.21 8.64
N PRO A 420 -15.02 -9.01 7.30
CA PRO A 420 -14.20 -9.76 6.31
C PRO A 420 -12.70 -9.79 6.60
N CYS A 421 -12.15 -8.69 7.08
CA CYS A 421 -10.72 -8.65 7.37
C CYS A 421 -10.32 -9.12 8.75
N PHE A 422 -11.14 -8.90 9.78
CA PHE A 422 -10.84 -9.38 11.12
C PHE A 422 -10.93 -10.90 11.13
N THR A 423 -11.90 -11.49 10.43
CA THR A 423 -12.07 -12.93 10.42
C THR A 423 -10.96 -13.59 9.61
N THR A 424 -10.64 -13.04 8.42
CA THR A 424 -9.60 -13.67 7.61
C THR A 424 -8.25 -13.59 8.30
N ALA A 425 -7.98 -12.57 9.12
CA ALA A 425 -6.70 -12.50 9.83
C ALA A 425 -6.61 -13.62 10.86
N LEU A 426 -7.71 -13.91 11.58
CA LEU A 426 -7.67 -14.97 12.57
C LEU A 426 -7.55 -16.29 11.84
N SER A 427 -8.30 -16.53 10.75
CA SER A 427 -8.18 -17.75 9.95
C SER A 427 -6.75 -18.03 9.46
N PHE A 428 -6.08 -16.99 8.97
CA PHE A 428 -4.70 -17.08 8.53
C PHE A 428 -3.83 -17.37 9.76
N TYR A 429 -3.98 -16.66 10.86
CA TYR A 429 -3.20 -16.89 12.07
C TYR A 429 -3.29 -18.35 12.55
N ASP A 430 -4.49 -18.88 12.68
CA ASP A 430 -4.67 -20.27 13.07
C ASP A 430 -4.22 -21.26 12.00
N GLY A 431 -4.28 -20.85 10.72
CA GLY A 431 -3.83 -21.67 9.61
C GLY A 431 -2.33 -21.78 9.57
N TYR A 432 -1.64 -20.66 9.78
CA TYR A 432 -0.19 -20.58 9.73
C TYR A 432 0.46 -21.32 10.89
N ARG A 433 -0.19 -21.22 12.04
CA ARG A 433 0.15 -21.90 13.29
C ARG A 433 0.15 -23.41 13.14
N HIS A 434 -0.76 -23.99 12.38
CA HIS A 434 -0.94 -25.44 12.40
C HIS A 434 0.05 -26.15 11.50
N ALA A 435 0.82 -27.06 12.11
CA ALA A 435 1.81 -27.90 11.43
C ALA A 435 1.12 -28.87 10.47
N MET A 436 -0.04 -29.39 10.88
CA MET A 436 -0.83 -30.31 10.10
C MET A 436 -2.13 -29.55 9.86
N LEU A 437 -2.55 -29.45 8.61
CA LEU A 437 -3.75 -28.75 8.13
C LEU A 437 -4.55 -29.72 7.28
N PRO A 438 -5.88 -29.60 7.12
CA PRO A 438 -6.68 -30.61 6.44
C PRO A 438 -6.57 -30.56 4.91
N ALA A 439 -5.48 -30.02 4.37
CA ALA A 439 -5.29 -29.93 2.92
C ALA A 439 -4.90 -31.31 2.35
N ASN A 440 -4.59 -32.26 3.22
CA ASN A 440 -4.32 -33.62 2.77
C ASN A 440 -5.64 -34.21 2.28
N LEU A 441 -6.78 -33.82 2.86
CA LEU A 441 -8.06 -34.29 2.33
C LEU A 441 -8.21 -33.73 0.91
N ILE A 442 -7.88 -32.47 0.61
CA ILE A 442 -7.94 -31.92 -0.74
C ILE A 442 -7.06 -32.70 -1.71
N GLN A 443 -5.85 -33.06 -1.26
CA GLN A 443 -4.96 -33.88 -2.09
C GLN A 443 -5.54 -35.28 -2.33
N ALA A 444 -6.23 -35.90 -1.34
CA ALA A 444 -6.83 -37.22 -1.47
C ALA A 444 -7.99 -37.13 -2.46
N GLN A 445 -8.78 -36.06 -2.38
CA GLN A 445 -9.90 -35.79 -3.28
C GLN A 445 -9.42 -35.64 -4.72
N ARG A 446 -8.44 -34.78 -4.98
CA ARG A 446 -7.87 -34.58 -6.31
C ARG A 446 -7.32 -35.85 -6.98
N ASP A 447 -6.90 -36.80 -6.13
CA ASP A 447 -6.34 -38.04 -6.60
C ASP A 447 -7.45 -39.04 -6.91
N TYR A 448 -8.56 -38.99 -6.16
CA TYR A 448 -9.73 -39.80 -6.40
C TYR A 448 -10.35 -39.33 -7.70
N PHE A 449 -10.51 -38.03 -7.95
CA PHE A 449 -11.34 -37.73 -9.12
C PHE A 449 -10.55 -37.26 -10.35
N GLY A 450 -9.28 -36.90 -10.19
CA GLY A 450 -8.53 -36.44 -11.34
C GLY A 450 -7.11 -36.96 -11.39
N ALA A 451 -6.89 -38.03 -10.61
CA ALA A 451 -5.64 -38.77 -10.49
C ALA A 451 -4.40 -37.90 -10.38
N HIS A 452 -4.49 -36.78 -9.66
CA HIS A 452 -3.38 -35.84 -9.58
C HIS A 452 -2.10 -36.19 -8.81
N THR A 453 -2.15 -37.30 -8.07
CA THR A 453 -1.15 -37.89 -7.17
C THR A 453 -0.85 -37.15 -5.88
N TYR A 454 -0.32 -37.87 -4.89
CA TYR A 454 -0.04 -37.29 -3.59
C TYR A 454 1.27 -37.81 -3.00
N GLU A 455 1.79 -37.09 -2.04
CA GLU A 455 3.01 -37.40 -1.32
C GLU A 455 2.62 -37.93 0.05
N LEU A 456 3.50 -38.79 0.54
CA LEU A 456 3.39 -39.36 1.87
C LEU A 456 4.07 -38.31 2.74
N LEU A 457 3.61 -38.18 3.96
CA LEU A 457 4.16 -37.19 4.88
C LEU A 457 5.62 -37.50 5.21
N ALA A 458 6.02 -38.78 5.24
CA ALA A 458 7.42 -39.18 5.41
C ALA A 458 7.85 -39.52 3.98
N LYS A 459 8.85 -38.77 3.54
CA LYS A 459 9.40 -38.71 2.18
C LYS A 459 8.37 -38.11 1.25
N PRO A 460 8.22 -36.78 1.37
CA PRO A 460 7.98 -35.91 0.22
C PRO A 460 8.95 -36.21 -0.93
N GLY A 461 8.43 -36.08 -2.14
CA GLY A 461 9.22 -36.35 -3.33
C GLY A 461 8.61 -37.50 -4.07
N GLN A 462 8.27 -38.61 -3.40
CA GLN A 462 7.59 -39.73 -4.04
C GLN A 462 6.13 -39.35 -4.25
N PHE A 463 5.52 -39.74 -5.37
CA PHE A 463 4.13 -39.42 -5.64
C PHE A 463 3.43 -40.71 -6.01
N ILE A 464 2.36 -40.91 -5.28
CA ILE A 464 1.55 -42.12 -5.29
C ILE A 464 0.21 -41.76 -5.95
N HIS A 465 -0.47 -42.74 -6.52
CA HIS A 465 -1.85 -42.61 -6.92
C HIS A 465 -2.45 -43.91 -6.38
N THR A 466 -3.50 -43.81 -5.60
CA THR A 466 -4.20 -44.95 -5.02
C THR A 466 -5.44 -45.21 -5.87
N ASN A 467 -5.83 -46.48 -6.03
CA ASN A 467 -7.09 -46.77 -6.69
C ASN A 467 -8.05 -46.73 -5.52
N TRP A 468 -8.63 -45.56 -5.38
CA TRP A 468 -9.54 -45.31 -4.29
C TRP A 468 -10.86 -46.02 -4.50
N THR A 469 -11.29 -46.10 -5.77
CA THR A 469 -12.62 -46.54 -6.17
C THR A 469 -13.11 -47.84 -5.49
N GLY A 470 -12.20 -48.81 -5.35
CA GLY A 470 -12.54 -50.07 -4.74
C GLY A 470 -11.27 -50.78 -4.35
N HIS A 471 -11.22 -51.16 -3.09
CA HIS A 471 -10.07 -51.85 -2.52
C HIS A 471 -10.46 -53.33 -2.34
N GLY A 472 -11.10 -53.85 -3.39
CA GLY A 472 -11.63 -55.20 -3.42
C GLY A 472 -12.89 -55.18 -4.27
N GLY A 473 -13.14 -56.29 -4.97
CA GLY A 473 -14.24 -56.39 -5.92
C GLY A 473 -13.76 -56.05 -7.33
#